data_1YIX
#
_entry.id   1YIX
#
_cell.length_a   43.387
_cell.length_b   76.322
_cell.length_c   80.738
_cell.angle_alpha   90.00
_cell.angle_beta   92.30
_cell.angle_gamma   90.00
#
_symmetry.space_group_name_H-M   'P 1 21 1'
#
loop_
_entity.id
_entity.type
_entity.pdbx_description
1 polymer 'deoxyribonuclease ycfH'
2 non-polymer 'ZINC ION'
3 water water
#
_entity_poly.entity_id   1
_entity_poly.type   'polypeptide(L)'
_entity_poly.pdbx_seq_one_letter_code
;MFLVDSHCHLDGLDYESLHKDVDDVLAKAAARDVKFCLAVATTLPSYLHMRDLVGERDNVVFSCGVHPLNQNDPYDVEDL
RRLAAEEGVVALGETGLDYYYTPETKVRQQESFIHHIQIGRELNKPVIVHTRDARADTLAILREEKVTDCGGVLHCFTED
RETAGKLLDLGFYISFSGIVTFRNAEQLRDAARYVPLDRLLVETDSPYLAPVPHRGKENQPAMVRDVAEYMAVLKGVAVE
ELAQVTTDNFARLFHIDASRLQSIR
;
_entity_poly.pdbx_strand_id   A,B
#
# COMPACT_ATOMS: atom_id res chain seq x y z
N MET A 1 21.37 -23.34 13.72
CA MET A 1 21.32 -22.01 13.05
C MET A 1 21.21 -20.90 14.11
N PHE A 2 21.88 -19.79 13.89
CA PHE A 2 21.81 -18.70 14.85
C PHE A 2 21.48 -17.38 14.14
N LEU A 3 20.26 -16.89 14.36
CA LEU A 3 19.84 -15.65 13.75
C LEU A 3 19.71 -14.47 14.69
N VAL A 4 19.97 -13.29 14.15
CA VAL A 4 19.85 -12.09 14.96
C VAL A 4 18.82 -11.18 14.35
N ASP A 5 17.90 -10.70 15.16
CA ASP A 5 16.97 -9.68 14.67
C ASP A 5 17.76 -8.41 15.04
N SER A 6 18.35 -7.72 14.05
CA SER A 6 19.17 -6.53 14.31
C SER A 6 18.46 -5.20 14.58
N HIS A 7 17.13 -5.22 14.54
CA HIS A 7 16.38 -4.00 14.78
C HIS A 7 14.91 -4.27 15.14
N CYS A 8 14.60 -4.17 16.44
CA CYS A 8 13.23 -4.38 16.91
C CYS A 8 12.88 -3.42 18.04
N HIS A 9 11.62 -3.00 18.07
CA HIS A 9 11.17 -2.07 19.10
C HIS A 9 10.46 -2.89 20.18
N LEU A 10 11.26 -3.50 21.06
CA LEU A 10 10.73 -4.37 22.11
C LEU A 10 9.72 -3.70 23.02
N ASP A 11 9.85 -2.39 23.18
CA ASP A 11 8.92 -1.66 24.03
C ASP A 11 7.61 -1.35 23.30
N GLY A 12 7.53 -1.75 22.04
CA GLY A 12 6.32 -1.47 21.27
C GLY A 12 5.40 -2.64 20.99
N LEU A 13 5.78 -3.83 21.44
CA LEU A 13 5.01 -5.04 21.20
C LEU A 13 3.77 -5.17 22.10
N ASP A 14 2.82 -6.00 21.68
CA ASP A 14 1.58 -6.24 22.41
C ASP A 14 1.82 -7.22 23.54
N TYR A 15 1.90 -6.70 24.76
CA TYR A 15 2.11 -7.53 25.93
C TYR A 15 0.75 -7.70 26.62
N GLU A 16 -0.28 -7.19 25.97
CA GLU A 16 -1.63 -7.30 26.53
C GLU A 16 -2.19 -8.67 26.21
N SER A 17 -2.13 -9.03 24.93
CA SER A 17 -2.67 -10.30 24.46
C SER A 17 -1.76 -11.16 23.59
N LEU A 18 -0.99 -10.55 22.70
CA LEU A 18 -0.13 -11.35 21.82
C LEU A 18 0.98 -12.05 22.59
N HIS A 19 1.66 -11.32 23.48
CA HIS A 19 2.75 -11.88 24.27
C HIS A 19 2.50 -11.72 25.78
N LYS A 20 3.06 -12.63 26.58
CA LYS A 20 2.97 -12.58 28.04
C LYS A 20 3.95 -11.53 28.59
N ASP A 21 5.15 -11.47 28.03
CA ASP A 21 6.20 -10.51 28.45
C ASP A 21 7.44 -10.73 27.61
N VAL A 22 8.50 -9.99 27.91
CA VAL A 22 9.74 -10.12 27.14
C VAL A 22 10.25 -11.55 27.04
N ASP A 23 10.21 -12.29 28.15
CA ASP A 23 10.67 -13.69 28.11
C ASP A 23 9.96 -14.44 26.99
N ASP A 24 8.65 -14.29 26.98
CA ASP A 24 7.80 -14.95 26.00
C ASP A 24 8.26 -14.62 24.57
N VAL A 25 8.44 -13.33 24.30
CA VAL A 25 8.87 -12.89 22.97
C VAL A 25 10.17 -13.54 22.56
N LEU A 26 11.17 -13.52 23.45
CA LEU A 26 12.47 -14.08 23.13
C LEU A 26 12.44 -15.62 22.99
N ALA A 27 11.56 -16.29 23.72
CA ALA A 27 11.47 -17.74 23.62
C ALA A 27 10.82 -18.08 22.28
N LYS A 28 9.88 -17.24 21.85
CA LYS A 28 9.24 -17.47 20.56
C LYS A 28 10.30 -17.27 19.49
N ALA A 29 11.20 -16.32 19.74
CA ALA A 29 12.25 -16.06 18.79
C ALA A 29 13.22 -17.25 18.75
N ALA A 30 13.63 -17.73 19.93
CA ALA A 30 14.57 -18.85 20.00
C ALA A 30 14.01 -20.10 19.36
N ALA A 31 12.69 -20.26 19.37
CA ALA A 31 12.08 -21.45 18.79
C ALA A 31 12.29 -21.49 17.27
N ARG A 32 12.52 -20.32 16.68
CA ARG A 32 12.75 -20.26 15.25
C ARG A 32 14.20 -19.88 14.99
N ASP A 33 15.05 -20.26 15.93
CA ASP A 33 16.49 -19.99 15.90
C ASP A 33 16.87 -18.52 15.83
N VAL A 34 16.02 -17.63 16.36
CA VAL A 34 16.36 -16.21 16.39
C VAL A 34 16.79 -16.07 17.82
N LYS A 35 18.11 -16.04 18.02
CA LYS A 35 18.65 -16.03 19.36
C LYS A 35 19.33 -14.78 19.88
N PHE A 36 19.12 -13.64 19.23
CA PHE A 36 19.76 -12.43 19.72
C PHE A 36 18.98 -11.30 19.08
N CYS A 37 18.85 -10.19 19.80
CA CYS A 37 18.11 -9.03 19.35
C CYS A 37 18.78 -7.73 19.72
N LEU A 38 18.59 -6.73 18.87
CA LEU A 38 19.11 -5.41 19.16
C LEU A 38 17.85 -4.56 19.42
N ALA A 39 17.62 -4.24 20.70
CA ALA A 39 16.46 -3.42 21.09
C ALA A 39 16.70 -1.91 20.87
N VAL A 40 15.79 -1.30 20.11
CA VAL A 40 15.83 0.10 19.70
C VAL A 40 14.88 1.06 20.42
N ALA A 41 15.42 2.14 20.99
CA ALA A 41 14.61 3.15 21.67
C ALA A 41 14.45 4.31 20.68
N THR A 42 13.34 5.06 20.79
CA THR A 42 13.04 6.20 19.90
C THR A 42 13.30 7.59 20.50
N THR A 43 13.47 7.66 21.82
CA THR A 43 13.77 8.92 22.51
C THR A 43 14.60 8.55 23.73
N LEU A 44 15.15 9.55 24.42
CA LEU A 44 15.95 9.21 25.59
C LEU A 44 15.07 8.74 26.75
N PRO A 45 13.88 9.35 26.93
CA PRO A 45 13.03 8.87 28.04
C PRO A 45 12.60 7.41 27.78
N SER A 46 12.33 7.08 26.52
CA SER A 46 11.92 5.72 26.16
C SER A 46 13.11 4.75 26.28
N TYR A 47 14.33 5.26 26.17
CA TYR A 47 15.49 4.40 26.30
C TYR A 47 15.57 3.95 27.77
N LEU A 48 15.41 4.91 28.67
CA LEU A 48 15.45 4.64 30.10
C LEU A 48 14.40 3.57 30.41
N HIS A 49 13.19 3.76 29.89
CA HIS A 49 12.12 2.81 30.12
C HIS A 49 12.46 1.41 29.57
N MET A 50 13.05 1.38 28.36
CA MET A 50 13.43 0.14 27.71
C MET A 50 14.43 -0.68 28.52
N ARG A 51 15.44 -0.03 29.08
CA ARG A 51 16.42 -0.74 29.88
C ARG A 51 15.75 -1.39 31.10
N ASP A 52 14.82 -0.69 31.72
CA ASP A 52 14.13 -1.21 32.88
C ASP A 52 13.19 -2.37 32.53
N LEU A 53 12.51 -2.24 31.42
CA LEU A 53 11.57 -3.25 30.95
C LEU A 53 12.31 -4.56 30.65
N VAL A 54 13.28 -4.45 29.75
CA VAL A 54 14.04 -5.59 29.29
C VAL A 54 14.95 -6.19 30.35
N GLY A 55 15.58 -5.33 31.14
CA GLY A 55 16.48 -5.82 32.16
C GLY A 55 17.81 -6.28 31.56
N GLU A 56 18.59 -6.94 32.40
CA GLU A 56 19.90 -7.46 32.02
C GLU A 56 19.77 -8.83 31.39
N ARG A 57 19.96 -8.90 30.08
CA ARG A 57 19.85 -10.17 29.37
C ARG A 57 21.09 -10.48 28.55
N ASP A 58 21.34 -11.78 28.38
CA ASP A 58 22.48 -12.27 27.62
C ASP A 58 22.28 -12.18 26.13
N ASN A 59 21.04 -12.19 25.68
CA ASN A 59 20.76 -12.17 24.26
C ASN A 59 20.06 -10.91 23.74
N VAL A 60 20.24 -9.79 24.43
CA VAL A 60 19.65 -8.52 23.96
C VAL A 60 20.69 -7.39 24.10
N VAL A 61 20.83 -6.56 23.06
CA VAL A 61 21.71 -5.40 23.13
C VAL A 61 20.86 -4.20 22.74
N PHE A 62 21.31 -3.00 23.09
CA PHE A 62 20.52 -1.82 22.85
C PHE A 62 21.17 -0.69 22.05
N SER A 63 20.32 0.14 21.47
CA SER A 63 20.78 1.33 20.79
C SER A 63 20.34 2.44 21.75
N CYS A 64 20.87 3.64 21.57
CA CYS A 64 20.52 4.78 22.39
C CYS A 64 20.50 5.96 21.43
N GLY A 65 19.39 6.68 21.39
CA GLY A 65 19.29 7.79 20.49
C GLY A 65 17.90 8.33 20.35
N VAL A 66 17.76 9.26 19.40
CA VAL A 66 16.50 9.95 19.18
C VAL A 66 16.11 9.92 17.72
N HIS A 67 15.03 9.20 17.46
CA HIS A 67 14.47 9.00 16.12
C HIS A 67 14.21 10.30 15.35
N PRO A 68 14.34 10.26 14.02
CA PRO A 68 14.11 11.42 13.14
C PRO A 68 12.73 12.01 13.30
N LEU A 69 11.75 11.15 13.58
CA LEU A 69 10.40 11.62 13.72
C LEU A 69 10.06 12.14 15.12
N ASN A 70 10.99 12.00 16.05
CA ASN A 70 10.75 12.48 17.39
C ASN A 70 11.63 13.69 17.64
N GLN A 71 11.55 14.67 16.75
CA GLN A 71 12.37 15.86 16.91
C GLN A 71 11.56 17.14 17.13
N ASN A 72 10.51 17.08 17.95
CA ASN A 72 9.73 18.29 18.20
C ASN A 72 10.09 18.80 19.59
N ASP A 73 10.37 17.86 20.50
CA ASP A 73 10.76 18.20 21.85
C ASP A 73 12.27 18.27 21.84
N PRO A 74 12.85 19.34 22.38
CA PRO A 74 14.32 19.37 22.38
C PRO A 74 14.82 18.29 23.29
N TYR A 75 16.13 18.04 23.25
CA TYR A 75 16.78 17.08 24.14
C TYR A 75 18.19 17.61 24.31
N ASP A 76 18.90 17.11 25.30
CA ASP A 76 20.26 17.54 25.58
C ASP A 76 21.23 16.53 25.00
N VAL A 77 22.09 16.98 24.08
CA VAL A 77 23.04 16.06 23.49
C VAL A 77 23.88 15.48 24.60
N GLU A 78 24.03 16.24 25.68
CA GLU A 78 24.84 15.76 26.80
C GLU A 78 24.21 14.53 27.45
N ASP A 79 22.90 14.41 27.37
CA ASP A 79 22.22 13.25 27.92
C ASP A 79 22.43 12.08 26.96
N LEU A 80 22.49 12.37 25.67
CA LEU A 80 22.71 11.33 24.68
C LEU A 80 24.13 10.80 24.85
N ARG A 81 25.07 11.71 25.06
CA ARG A 81 26.46 11.33 25.24
C ARG A 81 26.61 10.44 26.47
N ARG A 82 25.99 10.85 27.59
CA ARG A 82 26.09 10.05 28.80
C ARG A 82 25.38 8.69 28.65
N LEU A 83 24.13 8.70 28.23
CA LEU A 83 23.42 7.43 28.13
C LEU A 83 24.02 6.45 27.11
N ALA A 84 24.49 6.95 25.97
CA ALA A 84 25.06 6.04 24.98
C ALA A 84 26.32 5.31 25.45
N ALA A 85 26.93 5.78 26.55
CA ALA A 85 28.15 5.15 27.08
C ALA A 85 27.80 4.03 28.07
N GLU A 86 26.51 3.78 28.27
CA GLU A 86 26.13 2.72 29.19
C GLU A 86 26.41 1.31 28.63
N GLU A 87 26.77 0.39 29.52
CA GLU A 87 27.02 -0.99 29.12
C GLU A 87 25.67 -1.44 28.54
N GLY A 88 25.70 -2.29 27.54
CA GLY A 88 24.44 -2.73 26.93
C GLY A 88 24.17 -1.97 25.64
N VAL A 89 24.60 -0.71 25.56
CA VAL A 89 24.40 0.10 24.34
C VAL A 89 25.48 -0.22 23.31
N VAL A 90 25.07 -0.64 22.13
CA VAL A 90 26.06 -0.98 21.13
C VAL A 90 25.97 -0.07 19.93
N ALA A 91 25.01 0.85 19.94
CA ALA A 91 24.82 1.73 18.80
C ALA A 91 24.11 3.05 19.10
N LEU A 92 24.38 4.06 18.29
CA LEU A 92 23.72 5.36 18.39
C LEU A 92 22.53 5.37 17.44
N GLY A 93 21.34 5.66 17.97
CA GLY A 93 20.17 5.75 17.11
C GLY A 93 18.93 5.11 17.72
N GLU A 94 17.95 4.81 16.88
CA GLU A 94 18.05 5.06 15.46
C GLU A 94 17.97 6.56 15.16
N THR A 95 18.85 6.98 14.27
CA THR A 95 18.92 8.38 13.88
C THR A 95 18.64 8.40 12.37
N GLY A 96 19.03 9.45 11.68
CA GLY A 96 18.78 9.50 10.25
C GLY A 96 17.89 10.68 9.93
N LEU A 97 17.11 10.54 8.86
CA LEU A 97 16.21 11.59 8.38
C LEU A 97 14.96 10.96 7.82
N ASP A 98 13.82 11.58 8.08
CA ASP A 98 12.55 11.12 7.57
C ASP A 98 11.76 12.36 7.16
N TYR A 99 11.63 12.57 5.85
CA TYR A 99 10.92 13.72 5.29
C TYR A 99 9.50 13.37 4.82
N TYR A 100 9.04 12.15 5.10
CA TYR A 100 7.70 11.78 4.68
C TYR A 100 6.64 12.64 5.38
N TYR A 101 6.72 12.73 6.71
CA TYR A 101 5.79 13.59 7.46
C TYR A 101 6.59 14.87 7.72
N THR A 102 7.00 15.53 6.65
CA THR A 102 7.82 16.74 6.76
C THR A 102 7.06 18.04 7.08
N PRO A 103 7.02 18.43 8.36
CA PRO A 103 6.33 19.65 8.77
C PRO A 103 7.40 20.72 8.93
N GLU A 104 8.56 20.44 8.33
CA GLU A 104 9.71 21.32 8.37
C GLU A 104 10.51 21.21 9.65
N THR A 105 10.85 19.97 10.01
CA THR A 105 11.68 19.70 11.18
C THR A 105 13.02 19.20 10.66
N LYS A 106 13.20 19.27 9.34
CA LYS A 106 14.45 18.79 8.73
C LYS A 106 15.71 19.44 9.27
N VAL A 107 15.63 20.71 9.65
CA VAL A 107 16.80 21.37 10.21
C VAL A 107 17.14 20.74 11.57
N ARG A 108 16.12 20.48 12.38
CA ARG A 108 16.38 19.88 13.67
C ARG A 108 16.80 18.41 13.46
N GLN A 109 16.22 17.75 12.46
CA GLN A 109 16.54 16.34 12.16
C GLN A 109 18.00 16.23 11.77
N GLN A 110 18.46 17.16 10.96
CA GLN A 110 19.84 17.15 10.53
C GLN A 110 20.78 17.35 11.72
N GLU A 111 20.51 18.38 12.50
CA GLU A 111 21.35 18.71 13.65
C GLU A 111 21.49 17.49 14.57
N SER A 112 20.37 16.80 14.77
CA SER A 112 20.40 15.62 15.63
C SER A 112 21.21 14.47 15.02
N PHE A 113 21.01 14.22 13.73
CA PHE A 113 21.68 13.14 13.00
C PHE A 113 23.20 13.41 13.13
N ILE A 114 23.60 14.66 12.95
CA ILE A 114 25.01 15.01 13.06
C ILE A 114 25.55 14.70 14.44
N HIS A 115 24.79 15.04 15.48
CA HIS A 115 25.21 14.75 16.84
C HIS A 115 25.34 13.25 17.08
N HIS A 116 24.40 12.45 16.55
CA HIS A 116 24.47 11.00 16.76
C HIS A 116 25.74 10.42 16.16
N ILE A 117 26.15 10.94 15.01
CA ILE A 117 27.34 10.47 14.40
C ILE A 117 28.53 10.87 15.27
N GLN A 118 28.58 12.13 15.69
CA GLN A 118 29.68 12.59 16.53
C GLN A 118 29.86 11.68 17.75
N ILE A 119 28.77 11.39 18.45
CA ILE A 119 28.84 10.53 19.64
C ILE A 119 29.29 9.11 19.30
N GLY A 120 28.90 8.62 18.13
CA GLY A 120 29.29 7.29 17.70
C GLY A 120 30.80 7.28 17.48
N ARG A 121 31.28 8.34 16.84
CA ARG A 121 32.70 8.51 16.57
C ARG A 121 33.45 8.55 17.90
N GLU A 122 32.89 9.27 18.86
CA GLU A 122 33.51 9.39 20.19
C GLU A 122 33.64 8.09 20.97
N LEU A 123 32.59 7.27 20.89
CA LEU A 123 32.56 6.03 21.64
C LEU A 123 32.88 4.79 20.85
N ASN A 124 33.20 4.97 19.57
CA ASN A 124 33.46 3.84 18.71
C ASN A 124 32.26 2.86 18.69
N LYS A 125 31.06 3.42 18.59
CA LYS A 125 29.85 2.61 18.45
C LYS A 125 29.23 3.12 17.15
N PRO A 126 28.67 2.22 16.32
CA PRO A 126 28.06 2.65 15.05
C PRO A 126 26.69 3.29 15.21
N VAL A 127 26.21 3.89 14.11
CA VAL A 127 24.90 4.52 14.08
C VAL A 127 23.92 3.61 13.32
N ILE A 128 22.69 3.56 13.77
CA ILE A 128 21.62 2.81 13.10
C ILE A 128 20.87 3.93 12.40
N VAL A 129 20.89 3.90 11.07
CA VAL A 129 20.30 4.95 10.26
C VAL A 129 18.99 4.57 9.63
N HIS A 130 17.99 5.41 9.90
CA HIS A 130 16.65 5.30 9.37
C HIS A 130 16.62 6.44 8.35
N THR A 131 16.21 6.17 7.12
CA THR A 131 16.09 7.22 6.12
C THR A 131 14.82 6.94 5.32
N ARG A 132 14.14 8.00 4.90
CA ARG A 132 12.93 7.91 4.08
C ARG A 132 12.72 9.23 3.35
N ASP A 133 12.52 9.15 2.03
CA ASP A 133 12.38 10.32 1.17
C ASP A 133 13.42 11.38 1.51
N ALA A 134 14.64 10.97 1.81
CA ALA A 134 15.66 11.94 2.17
C ALA A 134 17.02 11.43 1.73
N ARG A 135 17.05 10.79 0.57
CA ARG A 135 18.27 10.20 0.05
C ARG A 135 19.50 11.08 -0.02
N ALA A 136 19.41 12.21 -0.71
CA ALA A 136 20.57 13.08 -0.87
C ALA A 136 21.07 13.69 0.43
N ASP A 137 20.17 14.16 1.26
CA ASP A 137 20.59 14.75 2.53
C ASP A 137 21.25 13.71 3.44
N THR A 138 20.80 12.47 3.36
CA THR A 138 21.36 11.39 4.18
C THR A 138 22.82 11.06 3.81
N LEU A 139 23.06 10.87 2.52
CA LEU A 139 24.42 10.55 2.10
C LEU A 139 25.32 11.75 2.30
N ALA A 140 24.77 12.96 2.10
CA ALA A 140 25.57 14.16 2.28
C ALA A 140 26.12 14.17 3.69
N ILE A 141 25.22 14.03 4.67
CA ILE A 141 25.61 14.03 6.08
C ILE A 141 26.55 12.87 6.43
N LEU A 142 26.28 11.66 5.91
CA LEU A 142 27.15 10.51 6.21
C LEU A 142 28.58 10.73 5.75
N ARG A 143 28.75 11.24 4.53
CA ARG A 143 30.07 11.51 3.96
C ARG A 143 30.78 12.67 4.65
N GLU A 144 30.05 13.76 4.87
CA GLU A 144 30.59 14.95 5.51
C GLU A 144 30.95 14.78 6.99
N GLU A 145 30.18 13.98 7.74
CA GLU A 145 30.47 13.79 9.16
C GLU A 145 31.42 12.62 9.42
N LYS A 146 31.99 12.07 8.35
CA LYS A 146 32.94 10.97 8.46
C LYS A 146 32.38 9.78 9.23
N VAL A 147 31.19 9.31 8.88
CA VAL A 147 30.61 8.20 9.58
C VAL A 147 31.54 7.00 9.47
N THR A 148 32.43 7.02 8.49
CA THR A 148 33.36 5.91 8.36
C THR A 148 34.17 5.72 9.64
N ASP A 149 34.21 6.75 10.50
CA ASP A 149 34.94 6.66 11.77
C ASP A 149 34.32 5.65 12.73
N CYS A 150 32.99 5.54 12.70
CA CYS A 150 32.30 4.63 13.64
C CYS A 150 31.55 3.50 12.94
N GLY A 151 31.23 3.66 11.66
CA GLY A 151 30.53 2.62 10.92
C GLY A 151 29.03 2.73 11.10
N GLY A 152 28.27 1.85 10.46
CA GLY A 152 26.83 1.93 10.63
C GLY A 152 26.06 1.03 9.71
N VAL A 153 24.74 1.00 9.90
CA VAL A 153 23.85 0.17 9.10
C VAL A 153 22.68 1.02 8.63
N LEU A 154 22.28 0.82 7.38
CA LEU A 154 21.12 1.52 6.84
C LEU A 154 20.04 0.51 7.17
N HIS A 155 19.37 0.71 8.31
CA HIS A 155 18.34 -0.21 8.80
C HIS A 155 17.04 -0.15 7.98
N CYS A 156 16.34 -1.28 7.85
CA CYS A 156 15.08 -1.34 7.10
C CYS A 156 15.18 -0.64 5.74
N PHE A 157 16.19 -1.03 4.98
CA PHE A 157 16.52 -0.45 3.68
C PHE A 157 15.34 -0.47 2.71
N THR A 158 14.98 0.69 2.21
CA THR A 158 13.86 0.77 1.30
C THR A 158 14.21 1.58 0.06
N GLU A 159 15.50 1.90 -0.08
CA GLU A 159 15.95 2.67 -1.23
C GLU A 159 16.25 1.74 -2.40
N ASP A 160 17.08 2.19 -3.33
CA ASP A 160 17.40 1.39 -4.51
C ASP A 160 18.85 0.92 -4.54
N ARG A 161 19.19 0.08 -5.51
CA ARG A 161 20.56 -0.46 -5.60
C ARG A 161 21.62 0.62 -5.73
N GLU A 162 21.37 1.64 -6.53
CA GLU A 162 22.34 2.73 -6.70
C GLU A 162 22.65 3.34 -5.32
N THR A 163 21.61 3.60 -4.54
CA THR A 163 21.78 4.17 -3.20
C THR A 163 22.55 3.19 -2.29
N ALA A 164 22.19 1.91 -2.36
CA ALA A 164 22.88 0.89 -1.57
C ALA A 164 24.39 0.96 -1.87
N GLY A 165 24.71 1.13 -3.16
CA GLY A 165 26.10 1.23 -3.58
C GLY A 165 26.85 2.39 -2.94
N LYS A 166 26.27 3.58 -2.90
CA LYS A 166 26.92 4.73 -2.27
C LYS A 166 27.17 4.46 -0.77
N LEU A 167 26.23 3.78 -0.12
CA LEU A 167 26.34 3.44 1.30
C LEU A 167 27.44 2.40 1.52
N LEU A 168 27.51 1.41 0.63
CA LEU A 168 28.50 0.37 0.75
C LEU A 168 29.88 0.99 0.61
N ASP A 169 29.95 2.05 -0.19
CA ASP A 169 31.22 2.73 -0.42
C ASP A 169 31.75 3.40 0.82
N LEU A 170 30.89 3.56 1.83
CA LEU A 170 31.23 4.17 3.11
C LEU A 170 31.37 3.11 4.21
N GLY A 171 31.47 1.86 3.80
CA GLY A 171 31.65 0.78 4.75
C GLY A 171 30.39 0.27 5.39
N PHE A 172 29.29 0.96 5.11
CA PHE A 172 27.99 0.62 5.68
C PHE A 172 27.48 -0.79 5.46
N TYR A 173 26.57 -1.19 6.34
CA TYR A 173 25.91 -2.49 6.22
C TYR A 173 24.51 -2.07 5.79
N ILE A 174 23.80 -2.98 5.12
CA ILE A 174 22.43 -2.71 4.66
C ILE A 174 21.51 -3.81 5.23
N SER A 175 20.55 -3.45 6.07
CA SER A 175 19.66 -4.47 6.65
C SER A 175 18.32 -4.43 5.98
N PHE A 176 17.75 -5.61 5.75
CA PHE A 176 16.44 -5.69 5.10
C PHE A 176 15.44 -6.22 6.08
N SER A 177 14.23 -5.70 6.00
CA SER A 177 13.12 -6.13 6.86
C SER A 177 12.11 -6.87 5.99
N GLY A 178 10.95 -7.14 6.59
CA GLY A 178 9.89 -7.86 5.91
C GLY A 178 9.34 -7.15 4.69
N ILE A 179 9.58 -5.85 4.60
CA ILE A 179 9.09 -5.11 3.48
C ILE A 179 9.59 -5.75 2.16
N VAL A 180 10.76 -6.39 2.21
CA VAL A 180 11.35 -7.01 1.03
C VAL A 180 10.49 -8.14 0.43
N THR A 181 9.46 -8.60 1.17
CA THR A 181 8.59 -9.68 0.73
C THR A 181 7.28 -9.13 0.17
N PHE A 182 7.15 -7.80 0.18
CA PHE A 182 5.91 -7.18 -0.28
C PHE A 182 5.82 -7.20 -1.79
N ARG A 183 4.60 -7.33 -2.29
CA ARG A 183 4.37 -7.37 -3.72
C ARG A 183 5.00 -6.19 -4.44
N ASN A 184 4.78 -4.99 -3.93
CA ASN A 184 5.30 -3.79 -4.56
C ASN A 184 6.77 -3.52 -4.26
N ALA A 185 7.49 -4.52 -3.75
CA ALA A 185 8.89 -4.26 -3.38
C ALA A 185 10.02 -4.71 -4.30
N GLU A 186 9.74 -4.85 -5.59
CA GLU A 186 10.78 -5.29 -6.55
C GLU A 186 12.07 -4.48 -6.46
N GLN A 187 11.96 -3.18 -6.25
CA GLN A 187 13.14 -2.33 -6.14
C GLN A 187 14.03 -2.85 -5.01
N LEU A 188 13.42 -3.24 -3.89
CA LEU A 188 14.19 -3.75 -2.76
C LEU A 188 14.77 -5.10 -3.09
N ARG A 189 13.97 -5.97 -3.71
CA ARG A 189 14.47 -7.28 -4.05
C ARG A 189 15.70 -7.12 -4.95
N ASP A 190 15.71 -6.07 -5.75
CA ASP A 190 16.80 -5.76 -6.67
C ASP A 190 18.07 -5.37 -5.88
N ALA A 191 17.86 -4.57 -4.83
CA ALA A 191 18.93 -4.12 -3.96
C ALA A 191 19.43 -5.30 -3.14
N ALA A 192 18.52 -6.16 -2.68
CA ALA A 192 18.92 -7.32 -1.89
C ALA A 192 19.89 -8.22 -2.67
N ARG A 193 19.63 -8.41 -3.96
CA ARG A 193 20.50 -9.24 -4.78
C ARG A 193 21.89 -8.64 -4.90
N TYR A 194 21.95 -7.31 -5.01
CA TYR A 194 23.21 -6.59 -5.19
C TYR A 194 24.14 -6.49 -3.98
N VAL A 195 23.56 -6.33 -2.80
CA VAL A 195 24.36 -6.19 -1.58
C VAL A 195 25.21 -7.42 -1.34
N PRO A 196 26.53 -7.23 -1.15
CA PRO A 196 27.32 -8.45 -0.90
C PRO A 196 26.88 -9.11 0.41
N LEU A 197 27.04 -10.41 0.47
CA LEU A 197 26.66 -11.14 1.66
C LEU A 197 27.36 -10.56 2.88
N ASP A 198 28.65 -10.20 2.74
CA ASP A 198 29.40 -9.71 3.90
C ASP A 198 29.05 -8.31 4.41
N ARG A 199 28.00 -7.71 3.86
CA ARG A 199 27.53 -6.39 4.28
C ARG A 199 26.01 -6.42 4.57
N LEU A 200 25.43 -7.62 4.55
CA LEU A 200 24.01 -7.79 4.82
C LEU A 200 23.66 -8.10 6.27
N LEU A 201 22.48 -7.61 6.69
CA LEU A 201 21.93 -7.85 8.00
C LEU A 201 20.42 -8.01 7.75
N VAL A 202 19.69 -8.58 8.69
CA VAL A 202 18.23 -8.72 8.55
C VAL A 202 17.62 -8.25 9.87
N GLU A 203 16.35 -7.87 9.82
CA GLU A 203 15.63 -7.39 10.99
C GLU A 203 14.16 -7.49 10.72
N THR A 204 13.36 -7.17 11.73
CA THR A 204 11.90 -7.14 11.60
C THR A 204 11.39 -5.69 11.71
N ASP A 205 12.07 -4.85 12.50
CA ASP A 205 11.60 -3.49 12.82
C ASP A 205 10.23 -3.70 13.54
N SER A 206 10.14 -4.78 14.29
CA SER A 206 8.93 -5.11 15.04
C SER A 206 8.53 -3.93 15.91
N PRO A 207 7.22 -3.70 16.08
CA PRO A 207 6.08 -4.50 15.58
C PRO A 207 5.54 -4.23 14.16
N TYR A 208 6.24 -3.41 13.39
CA TYR A 208 5.79 -3.08 12.05
C TYR A 208 6.28 -4.02 10.96
N LEU A 209 5.67 -3.90 9.78
CA LEU A 209 6.10 -4.63 8.61
C LEU A 209 6.27 -6.14 8.67
N ALA A 210 5.28 -6.84 9.19
CA ALA A 210 5.39 -8.30 9.25
C ALA A 210 5.58 -8.83 7.83
N PRO A 211 6.48 -9.78 7.67
CA PRO A 211 6.69 -10.31 6.32
C PRO A 211 5.67 -11.36 5.98
N VAL A 212 5.66 -11.72 4.70
CA VAL A 212 4.84 -12.82 4.18
C VAL A 212 5.52 -14.00 4.87
N PRO A 213 4.78 -15.04 5.26
CA PRO A 213 3.34 -15.30 5.15
C PRO A 213 2.50 -14.68 6.29
N HIS A 214 3.04 -13.69 6.98
CA HIS A 214 2.30 -13.10 8.10
C HIS A 214 1.81 -11.65 7.97
N ARG A 215 1.60 -11.15 6.75
CA ARG A 215 1.13 -9.77 6.59
C ARG A 215 -0.21 -9.58 7.31
N GLY A 216 -0.39 -8.42 7.93
CA GLY A 216 -1.64 -8.17 8.64
C GLY A 216 -1.59 -8.51 10.12
N LYS A 217 -0.50 -9.12 10.55
CA LYS A 217 -0.33 -9.47 11.96
C LYS A 217 0.76 -8.57 12.48
N GLU A 218 0.78 -8.39 13.79
CA GLU A 218 1.81 -7.59 14.43
C GLU A 218 3.09 -8.34 14.21
N ASN A 219 4.18 -7.64 13.93
CA ASN A 219 5.46 -8.31 13.71
C ASN A 219 6.11 -8.66 15.04
N GLN A 220 6.94 -9.68 15.06
CA GLN A 220 7.66 -10.04 16.27
C GLN A 220 9.02 -10.55 15.81
N PRO A 221 10.03 -10.47 16.69
CA PRO A 221 11.39 -10.91 16.39
C PRO A 221 11.51 -12.27 15.68
N ALA A 222 10.71 -13.25 16.14
CA ALA A 222 10.75 -14.58 15.55
C ALA A 222 10.62 -14.52 14.03
N MET A 223 9.80 -13.59 13.55
CA MET A 223 9.58 -13.45 12.13
C MET A 223 10.80 -13.04 11.34
N VAL A 224 11.91 -12.70 12.02
CA VAL A 224 13.08 -12.37 11.24
C VAL A 224 13.51 -13.69 10.57
N ARG A 225 13.02 -14.81 11.11
CA ARG A 225 13.33 -16.11 10.51
C ARG A 225 12.75 -16.15 9.07
N ASP A 226 11.52 -15.65 8.87
CA ASP A 226 10.95 -15.62 7.51
C ASP A 226 11.73 -14.62 6.63
N VAL A 227 12.09 -13.48 7.19
CA VAL A 227 12.87 -12.50 6.43
C VAL A 227 14.13 -13.17 5.94
N ALA A 228 14.78 -13.92 6.83
CA ALA A 228 16.02 -14.59 6.48
C ALA A 228 15.81 -15.65 5.39
N GLU A 229 14.78 -16.47 5.51
CA GLU A 229 14.59 -17.48 4.49
C GLU A 229 14.34 -16.81 3.16
N TYR A 230 13.57 -15.73 3.19
CA TYR A 230 13.26 -15.00 1.97
C TYR A 230 14.52 -14.47 1.31
N MET A 231 15.37 -13.84 2.12
CA MET A 231 16.60 -13.29 1.60
C MET A 231 17.49 -14.40 1.05
N ALA A 232 17.55 -15.54 1.75
CA ALA A 232 18.35 -16.68 1.31
C ALA A 232 17.88 -17.11 -0.06
N VAL A 233 16.57 -17.19 -0.23
CA VAL A 233 16.01 -17.57 -1.51
C VAL A 233 16.42 -16.60 -2.60
N LEU A 234 16.31 -15.31 -2.31
CA LEU A 234 16.67 -14.30 -3.28
C LEU A 234 18.17 -14.29 -3.56
N LYS A 235 18.98 -14.55 -2.54
CA LYS A 235 20.44 -14.56 -2.72
C LYS A 235 20.96 -15.89 -3.26
N GLY A 236 20.09 -16.90 -3.32
CA GLY A 236 20.54 -18.19 -3.84
C GLY A 236 21.42 -18.99 -2.89
N VAL A 237 21.24 -18.83 -1.60
CA VAL A 237 22.05 -19.58 -0.63
C VAL A 237 21.15 -20.24 0.40
N ALA A 238 21.71 -21.14 1.18
CA ALA A 238 20.93 -21.81 2.21
C ALA A 238 20.70 -20.84 3.37
N VAL A 239 19.57 -20.94 4.04
CA VAL A 239 19.30 -20.05 5.14
C VAL A 239 20.33 -20.17 6.26
N GLU A 240 20.93 -21.35 6.40
CA GLU A 240 21.94 -21.58 7.43
C GLU A 240 23.19 -20.78 7.11
N GLU A 241 23.47 -20.61 5.81
CA GLU A 241 24.64 -19.83 5.38
C GLU A 241 24.35 -18.34 5.57
N LEU A 242 23.14 -17.92 5.24
CA LEU A 242 22.79 -16.51 5.42
C LEU A 242 22.76 -16.18 6.93
N ALA A 243 22.27 -17.12 7.73
CA ALA A 243 22.20 -16.91 9.17
C ALA A 243 23.61 -16.70 9.75
N GLN A 244 24.57 -17.53 9.37
CA GLN A 244 25.93 -17.39 9.88
C GLN A 244 26.66 -16.15 9.35
N VAL A 245 26.51 -15.83 8.07
CA VAL A 245 27.16 -14.64 7.54
C VAL A 245 26.59 -13.35 8.14
N THR A 246 25.26 -13.23 8.19
CA THR A 246 24.64 -12.01 8.77
C THR A 246 24.95 -11.91 10.26
N THR A 247 25.01 -13.03 10.97
CA THR A 247 25.34 -12.99 12.39
C THR A 247 26.82 -12.57 12.56
N ASP A 248 27.69 -13.00 11.64
CA ASP A 248 29.11 -12.62 11.70
C ASP A 248 29.24 -11.12 11.37
N ASN A 249 28.39 -10.64 10.47
CA ASN A 249 28.42 -9.21 10.10
C ASN A 249 27.93 -8.37 11.30
N PHE A 250 26.94 -8.89 12.02
CA PHE A 250 26.39 -8.21 13.19
C PHE A 250 27.49 -8.06 14.25
N ALA A 251 28.21 -9.15 14.50
CA ALA A 251 29.28 -9.17 15.49
C ALA A 251 30.39 -8.17 15.17
N ARG A 252 30.72 -8.03 13.87
CA ARG A 252 31.78 -7.11 13.41
C ARG A 252 31.36 -5.66 13.51
N LEU A 253 30.17 -5.34 13.00
CA LEU A 253 29.67 -3.98 13.03
C LEU A 253 29.44 -3.44 14.44
N PHE A 254 28.85 -4.26 15.31
CA PHE A 254 28.53 -3.81 16.66
C PHE A 254 29.54 -4.17 17.75
N HIS A 255 30.68 -4.69 17.36
CA HIS A 255 31.73 -5.05 18.30
C HIS A 255 31.32 -6.05 19.37
N ILE A 256 30.67 -7.12 18.95
CA ILE A 256 30.22 -8.12 19.91
C ILE A 256 31.04 -9.41 19.85
N ASP A 257 31.55 -9.85 21.00
CA ASP A 257 32.34 -11.07 21.09
C ASP A 257 31.58 -12.23 20.46
N ALA A 258 32.22 -12.90 19.51
CA ALA A 258 31.60 -14.03 18.81
C ALA A 258 31.01 -15.08 19.72
N SER A 259 31.56 -15.23 20.92
CA SER A 259 31.08 -16.23 21.87
C SER A 259 29.67 -15.93 22.33
N ARG A 260 29.28 -14.66 22.33
CA ARG A 260 27.94 -14.31 22.76
C ARG A 260 26.95 -14.60 21.63
N LEU A 261 27.48 -14.85 20.43
CA LEU A 261 26.66 -15.09 19.25
C LEU A 261 26.73 -16.51 18.73
N GLN A 262 26.83 -17.46 19.67
CA GLN A 262 26.88 -18.88 19.34
C GLN A 262 26.07 -19.66 20.40
N SER A 263 25.56 -20.84 20.04
CA SER A 263 24.78 -21.65 20.97
C SER A 263 25.48 -22.88 21.54
N ILE A 264 26.81 -22.85 21.62
CA ILE A 264 27.55 -23.99 22.16
C ILE A 264 27.76 -23.89 23.67
N ARG A 265 27.33 -24.93 24.38
CA ARG A 265 27.44 -25.01 25.84
C ARG A 265 26.27 -24.31 26.51
N MET B 1 -27.49 21.31 -15.93
CA MET B 1 -27.07 20.19 -15.04
C MET B 1 -25.95 19.41 -15.73
N PHE B 2 -25.08 18.79 -14.94
CA PHE B 2 -24.01 18.02 -15.53
C PHE B 2 -23.93 16.67 -14.85
N LEU B 3 -24.28 15.62 -15.59
CA LEU B 3 -24.22 14.28 -15.03
C LEU B 3 -23.13 13.44 -15.67
N VAL B 4 -22.62 12.47 -14.91
CA VAL B 4 -21.60 11.56 -15.41
C VAL B 4 -22.14 10.12 -15.38
N ASP B 5 -21.99 9.37 -16.47
CA ASP B 5 -22.35 7.95 -16.45
C ASP B 5 -21.00 7.36 -16.07
N SER B 6 -20.76 7.16 -14.79
CA SER B 6 -19.46 6.66 -14.35
C SER B 6 -19.09 5.23 -14.78
N HIS B 7 -19.94 4.54 -15.53
CA HIS B 7 -19.63 3.16 -15.94
C HIS B 7 -20.55 2.64 -17.04
N CYS B 8 -20.01 2.50 -18.25
CA CYS B 8 -20.80 2.00 -19.38
C CYS B 8 -19.90 1.27 -20.39
N HIS B 9 -20.44 0.19 -20.97
CA HIS B 9 -19.71 -0.60 -21.94
C HIS B 9 -20.10 -0.12 -23.33
N LEU B 10 -19.45 0.96 -23.76
CA LEU B 10 -19.71 1.58 -25.04
C LEU B 10 -19.54 0.64 -26.22
N ASP B 11 -18.56 -0.25 -26.12
CA ASP B 11 -18.32 -1.21 -27.19
C ASP B 11 -19.42 -2.28 -27.23
N GLY B 12 -20.32 -2.30 -26.24
CA GLY B 12 -21.37 -3.32 -26.24
C GLY B 12 -22.78 -2.89 -26.63
N LEU B 13 -22.94 -1.62 -26.97
CA LEU B 13 -24.25 -1.10 -27.34
C LEU B 13 -24.59 -1.45 -28.80
N ASP B 14 -25.88 -1.54 -29.11
CA ASP B 14 -26.32 -1.89 -30.45
C ASP B 14 -26.19 -0.74 -31.48
N TYR B 15 -25.20 -0.82 -32.36
CA TYR B 15 -24.98 0.22 -33.35
C TYR B 15 -25.54 -0.14 -34.73
N GLU B 16 -26.38 -1.17 -34.78
CA GLU B 16 -26.97 -1.61 -36.05
C GLU B 16 -28.41 -1.13 -36.23
N SER B 17 -29.05 -0.77 -35.13
CA SER B 17 -30.42 -0.28 -35.14
C SER B 17 -30.69 0.81 -34.09
N LEU B 18 -30.38 0.52 -32.84
CA LEU B 18 -30.63 1.48 -31.79
C LEU B 18 -29.89 2.78 -31.94
N HIS B 19 -28.60 2.68 -32.27
CA HIS B 19 -27.73 3.84 -32.36
C HIS B 19 -27.02 3.92 -33.71
N LYS B 20 -26.82 5.14 -34.20
CA LYS B 20 -26.11 5.31 -35.48
C LYS B 20 -24.60 5.07 -35.26
N ASP B 21 -24.06 5.63 -34.18
CA ASP B 21 -22.63 5.52 -33.87
C ASP B 21 -22.39 6.11 -32.49
N VAL B 22 -21.13 6.24 -32.10
CA VAL B 22 -20.82 6.76 -30.78
C VAL B 22 -21.29 8.22 -30.60
N ASP B 23 -21.14 9.07 -31.61
CA ASP B 23 -21.60 10.46 -31.47
C ASP B 23 -23.08 10.50 -31.13
N ASP B 24 -23.84 9.66 -31.82
CA ASP B 24 -25.29 9.57 -31.62
C ASP B 24 -25.57 9.20 -30.15
N VAL B 25 -24.89 8.16 -29.63
CA VAL B 25 -25.07 7.75 -28.23
C VAL B 25 -24.78 8.92 -27.28
N LEU B 26 -23.67 9.62 -27.51
CA LEU B 26 -23.29 10.74 -26.66
C LEU B 26 -24.22 11.94 -26.82
N ALA B 27 -24.74 12.14 -28.04
CA ALA B 27 -25.67 13.22 -28.31
C ALA B 27 -26.96 12.98 -27.49
N LYS B 28 -27.48 11.76 -27.55
CA LYS B 28 -28.68 11.41 -26.80
C LYS B 28 -28.37 11.61 -25.32
N ALA B 29 -27.15 11.26 -24.94
CA ALA B 29 -26.75 11.40 -23.56
C ALA B 29 -26.75 12.86 -23.19
N ALA B 30 -26.17 13.68 -24.06
CA ALA B 30 -26.09 15.11 -23.79
C ALA B 30 -27.50 15.69 -23.75
N ALA B 31 -28.41 15.21 -24.58
CA ALA B 31 -29.78 15.74 -24.55
C ALA B 31 -30.42 15.64 -23.17
N ARG B 32 -29.97 14.69 -22.34
CA ARG B 32 -30.50 14.56 -20.97
C ARG B 32 -29.48 15.02 -19.91
N ASP B 33 -28.55 15.87 -20.32
CA ASP B 33 -27.49 16.41 -19.44
C ASP B 33 -26.52 15.38 -18.85
N VAL B 34 -26.24 14.33 -19.61
CA VAL B 34 -25.29 13.28 -19.25
C VAL B 34 -24.20 13.66 -20.22
N LYS B 35 -23.21 14.36 -19.68
CA LYS B 35 -22.16 14.96 -20.47
C LYS B 35 -20.74 14.40 -20.38
N PHE B 36 -20.57 13.27 -19.72
CA PHE B 36 -19.26 12.65 -19.57
C PHE B 36 -19.53 11.17 -19.31
N CYS B 37 -18.65 10.29 -19.80
CA CYS B 37 -18.81 8.85 -19.62
C CYS B 37 -17.48 8.17 -19.31
N LEU B 38 -17.50 7.15 -18.47
CA LEU B 38 -16.31 6.36 -18.20
C LEU B 38 -16.63 5.06 -18.91
N ALA B 39 -15.90 4.80 -20.00
CA ALA B 39 -16.03 3.61 -20.87
C ALA B 39 -15.22 2.43 -20.35
N VAL B 40 -15.91 1.31 -20.19
CA VAL B 40 -15.33 0.08 -19.64
C VAL B 40 -15.21 -1.08 -20.63
N ALA B 41 -13.99 -1.61 -20.82
CA ALA B 41 -13.79 -2.78 -21.70
C ALA B 41 -13.61 -3.94 -20.72
N THR B 42 -13.91 -5.15 -21.15
CA THR B 42 -13.82 -6.32 -20.26
C THR B 42 -12.54 -7.13 -20.34
N THR B 43 -11.70 -6.84 -21.34
CA THR B 43 -10.43 -7.54 -21.47
C THR B 43 -9.45 -6.59 -22.16
N LEU B 44 -8.20 -7.05 -22.19
CA LEU B 44 -7.10 -6.29 -22.77
C LEU B 44 -7.29 -6.13 -24.30
N PRO B 45 -7.61 -7.22 -25.01
CA PRO B 45 -7.81 -7.03 -26.45
C PRO B 45 -9.04 -6.14 -26.67
N SER B 46 -10.05 -6.26 -25.81
CA SER B 46 -11.25 -5.43 -25.98
C SER B 46 -10.89 -4.00 -25.66
N TYR B 47 -10.02 -3.79 -24.69
CA TYR B 47 -9.58 -2.43 -24.36
C TYR B 47 -9.02 -1.71 -25.60
N LEU B 48 -8.16 -2.40 -26.36
CA LEU B 48 -7.55 -1.82 -27.57
C LEU B 48 -8.62 -1.52 -28.60
N HIS B 49 -9.56 -2.44 -28.73
CA HIS B 49 -10.66 -2.26 -29.67
C HIS B 49 -11.47 -1.02 -29.28
N MET B 50 -11.69 -0.86 -27.98
CA MET B 50 -12.47 0.26 -27.46
C MET B 50 -11.82 1.62 -27.73
N ARG B 51 -10.53 1.75 -27.45
CA ARG B 51 -9.85 3.02 -27.69
C ARG B 51 -9.98 3.36 -29.18
N ASP B 52 -9.79 2.35 -30.02
CA ASP B 52 -9.88 2.56 -31.45
C ASP B 52 -11.28 2.97 -31.90
N LEU B 53 -12.29 2.27 -31.40
CA LEU B 53 -13.66 2.59 -31.78
C LEU B 53 -14.05 4.00 -31.31
N VAL B 54 -13.92 4.24 -30.02
CA VAL B 54 -14.29 5.52 -29.43
C VAL B 54 -13.46 6.72 -29.89
N GLY B 55 -12.17 6.53 -30.15
CA GLY B 55 -11.35 7.64 -30.56
C GLY B 55 -11.04 8.57 -29.41
N GLU B 56 -10.41 9.72 -29.72
CA GLU B 56 -10.00 10.71 -28.73
C GLU B 56 -11.05 11.80 -28.47
N ARG B 57 -11.99 11.48 -27.60
CA ARG B 57 -13.05 12.41 -27.23
C ARG B 57 -12.75 13.10 -25.92
N ASP B 58 -13.20 14.34 -25.85
CA ASP B 58 -13.02 15.19 -24.66
C ASP B 58 -13.96 14.80 -23.52
N ASN B 59 -15.02 14.08 -23.83
CA ASN B 59 -16.00 13.69 -22.81
C ASN B 59 -16.07 12.19 -22.45
N VAL B 60 -15.00 11.44 -22.76
CA VAL B 60 -14.94 10.01 -22.42
C VAL B 60 -13.58 9.63 -21.79
N VAL B 61 -13.61 8.93 -20.67
CA VAL B 61 -12.36 8.45 -20.07
C VAL B 61 -12.52 6.93 -20.00
N PHE B 62 -11.43 6.22 -19.77
CA PHE B 62 -11.47 4.77 -19.83
C PHE B 62 -10.88 4.05 -18.65
N SER B 63 -11.31 2.82 -18.47
CA SER B 63 -10.71 1.95 -17.47
C SER B 63 -9.89 0.99 -18.35
N CYS B 64 -8.99 0.22 -17.75
CA CYS B 64 -8.17 -0.76 -18.45
C CYS B 64 -8.09 -1.94 -17.48
N GLY B 65 -8.52 -3.12 -17.93
CA GLY B 65 -8.46 -4.25 -17.04
C GLY B 65 -9.18 -5.47 -17.58
N VAL B 66 -9.27 -6.50 -16.73
CA VAL B 66 -9.88 -7.75 -17.12
C VAL B 66 -10.95 -8.19 -16.13
N HIS B 67 -12.19 -8.27 -16.64
CA HIS B 67 -13.39 -8.62 -15.89
C HIS B 67 -13.28 -9.98 -15.19
N PRO B 68 -13.83 -10.10 -13.98
CA PRO B 68 -13.74 -11.38 -13.30
C PRO B 68 -14.45 -12.51 -14.04
N LEU B 69 -15.36 -12.16 -14.95
CA LEU B 69 -16.07 -13.19 -15.70
C LEU B 69 -15.39 -13.44 -17.04
N ASN B 70 -14.23 -12.83 -17.24
CA ASN B 70 -13.49 -12.97 -18.50
C ASN B 70 -12.07 -13.44 -18.22
N GLN B 71 -11.96 -14.42 -17.34
CA GLN B 71 -10.67 -14.97 -16.95
C GLN B 71 -10.28 -16.26 -17.67
N ASN B 72 -11.19 -16.77 -18.49
CA ASN B 72 -10.94 -18.02 -19.19
C ASN B 72 -9.63 -18.00 -19.93
N ASP B 73 -9.27 -16.81 -20.37
CA ASP B 73 -8.05 -16.60 -21.12
C ASP B 73 -7.00 -15.88 -20.28
N PRO B 74 -5.83 -16.52 -20.06
CA PRO B 74 -4.76 -15.90 -19.27
C PRO B 74 -4.26 -14.66 -20.00
N TYR B 75 -3.81 -13.66 -19.23
CA TYR B 75 -3.28 -12.45 -19.80
C TYR B 75 -1.94 -12.13 -19.14
N ASP B 76 -1.17 -11.29 -19.79
CA ASP B 76 0.14 -10.93 -19.26
C ASP B 76 -0.02 -9.67 -18.41
N VAL B 77 0.27 -9.78 -17.12
CA VAL B 77 0.14 -8.62 -16.25
C VAL B 77 1.05 -7.48 -16.75
N GLU B 78 2.05 -7.78 -17.57
CA GLU B 78 2.90 -6.68 -18.03
C GLU B 78 2.13 -5.86 -19.07
N ASP B 79 1.20 -6.49 -19.76
CA ASP B 79 0.41 -5.75 -20.73
C ASP B 79 -0.55 -4.85 -19.97
N LEU B 80 -1.13 -5.37 -18.90
CA LEU B 80 -2.06 -4.59 -18.07
C LEU B 80 -1.33 -3.36 -17.51
N ARG B 81 -0.12 -3.56 -17.00
CA ARG B 81 0.67 -2.47 -16.44
C ARG B 81 0.98 -1.39 -17.48
N ARG B 82 1.31 -1.80 -18.69
CA ARG B 82 1.64 -0.89 -19.77
C ARG B 82 0.44 -0.16 -20.32
N LEU B 83 -0.61 -0.91 -20.67
CA LEU B 83 -1.80 -0.25 -21.19
C LEU B 83 -2.50 0.66 -20.16
N ALA B 84 -2.58 0.24 -18.90
CA ALA B 84 -3.27 1.07 -17.90
C ALA B 84 -2.57 2.40 -17.66
N ALA B 85 -1.34 2.52 -18.17
CA ALA B 85 -0.58 3.75 -18.01
C ALA B 85 -0.90 4.75 -19.12
N GLU B 86 -1.67 4.34 -20.10
CA GLU B 86 -1.99 5.24 -21.23
C GLU B 86 -2.86 6.45 -20.84
N GLU B 87 -2.65 7.56 -21.56
CA GLU B 87 -3.43 8.78 -21.30
C GLU B 87 -4.88 8.43 -21.66
N GLY B 88 -5.83 8.83 -20.81
CA GLY B 88 -7.22 8.49 -21.07
C GLY B 88 -7.71 7.43 -20.07
N VAL B 89 -6.79 6.60 -19.60
CA VAL B 89 -7.12 5.56 -18.62
C VAL B 89 -7.11 6.22 -17.24
N VAL B 90 -8.23 6.19 -16.55
CA VAL B 90 -8.30 6.81 -15.24
C VAL B 90 -8.54 5.74 -14.18
N ALA B 91 -8.58 4.47 -14.59
CA ALA B 91 -8.89 3.39 -13.66
C ALA B 91 -8.50 1.97 -14.08
N LEU B 92 -8.23 1.13 -13.08
CA LEU B 92 -7.91 -0.28 -13.30
C LEU B 92 -9.23 -1.04 -13.06
N GLY B 93 -9.60 -1.87 -14.03
CA GLY B 93 -10.85 -2.64 -13.90
C GLY B 93 -11.59 -2.62 -15.24
N GLU B 94 -12.86 -3.03 -15.22
CA GLU B 94 -13.45 -3.46 -13.97
C GLU B 94 -12.86 -4.80 -13.57
N THR B 95 -12.62 -4.93 -12.27
CA THR B 95 -12.01 -6.11 -11.72
C THR B 95 -12.95 -6.54 -10.60
N GLY B 96 -12.50 -7.42 -9.72
CA GLY B 96 -13.35 -7.85 -8.64
C GLY B 96 -13.51 -9.34 -8.62
N LEU B 97 -14.67 -9.79 -8.14
CA LEU B 97 -14.97 -11.21 -8.04
C LEU B 97 -16.45 -11.44 -8.30
N ASP B 98 -16.77 -12.47 -9.08
CA ASP B 98 -18.17 -12.83 -9.35
C ASP B 98 -18.29 -14.37 -9.24
N TYR B 99 -18.94 -14.85 -8.18
CA TYR B 99 -19.11 -16.28 -7.96
C TYR B 99 -20.50 -16.75 -8.39
N TYR B 100 -21.25 -15.87 -9.02
CA TYR B 100 -22.60 -16.26 -9.44
C TYR B 100 -22.60 -17.33 -10.52
N TYR B 101 -21.80 -17.11 -11.57
CA TYR B 101 -21.73 -18.03 -12.70
C TYR B 101 -20.76 -19.20 -12.57
N THR B 102 -19.47 -18.87 -12.47
CA THR B 102 -18.41 -19.85 -12.38
C THR B 102 -17.65 -19.80 -11.06
N PRO B 103 -18.31 -20.19 -9.95
CA PRO B 103 -17.63 -20.19 -8.66
C PRO B 103 -16.27 -20.91 -8.68
N GLU B 104 -16.11 -21.95 -9.49
CA GLU B 104 -14.81 -22.62 -9.44
C GLU B 104 -13.64 -21.93 -10.14
N THR B 105 -13.82 -20.69 -10.60
CA THR B 105 -12.70 -19.96 -11.19
C THR B 105 -12.16 -18.93 -10.19
N LYS B 106 -12.58 -19.09 -8.91
CA LYS B 106 -12.23 -18.21 -7.77
C LYS B 106 -10.74 -17.87 -7.65
N VAL B 107 -9.91 -18.90 -7.71
CA VAL B 107 -8.46 -18.69 -7.57
C VAL B 107 -7.91 -17.76 -8.67
N ARG B 108 -8.36 -17.97 -9.90
CA ARG B 108 -7.90 -17.15 -11.00
C ARG B 108 -8.44 -15.73 -10.87
N GLN B 109 -9.72 -15.61 -10.50
CA GLN B 109 -10.31 -14.28 -10.34
C GLN B 109 -9.59 -13.49 -9.23
N GLN B 110 -9.28 -14.12 -8.10
CA GLN B 110 -8.61 -13.31 -7.08
C GLN B 110 -7.18 -13.02 -7.45
N GLU B 111 -6.52 -13.97 -8.10
CA GLU B 111 -5.14 -13.71 -8.52
C GLU B 111 -5.18 -12.43 -9.38
N SER B 112 -6.06 -12.40 -10.38
CA SER B 112 -6.19 -11.23 -11.24
C SER B 112 -6.58 -9.90 -10.48
N PHE B 113 -7.54 -9.99 -9.55
CA PHE B 113 -8.02 -8.87 -8.74
C PHE B 113 -6.82 -8.24 -7.99
N ILE B 114 -6.04 -9.07 -7.33
CA ILE B 114 -4.85 -8.59 -6.62
C ILE B 114 -3.92 -7.87 -7.60
N HIS B 115 -3.74 -8.41 -8.80
CA HIS B 115 -2.90 -7.76 -9.81
C HIS B 115 -3.40 -6.36 -10.12
N HIS B 116 -4.72 -6.23 -10.30
CA HIS B 116 -5.31 -4.93 -10.59
C HIS B 116 -5.09 -3.91 -9.49
N ILE B 117 -5.20 -4.34 -8.25
CA ILE B 117 -4.98 -3.42 -7.16
C ILE B 117 -3.51 -2.99 -7.15
N GLN B 118 -2.60 -3.93 -7.36
CA GLN B 118 -1.16 -3.59 -7.34
C GLN B 118 -0.84 -2.51 -8.36
N ILE B 119 -1.35 -2.67 -9.58
CA ILE B 119 -1.11 -1.68 -10.62
C ILE B 119 -1.82 -0.35 -10.30
N GLY B 120 -3.00 -0.41 -9.70
CA GLY B 120 -3.67 0.84 -9.35
C GLY B 120 -2.74 1.62 -8.41
N ARG B 121 -2.19 0.90 -7.45
CA ARG B 121 -1.29 1.48 -6.49
C ARG B 121 -0.08 2.08 -7.17
N GLU B 122 0.52 1.31 -8.09
CA GLU B 122 1.71 1.79 -8.82
C GLU B 122 1.46 3.06 -9.63
N LEU B 123 0.30 3.13 -10.28
CA LEU B 123 -0.01 4.28 -11.12
C LEU B 123 -0.80 5.39 -10.45
N ASN B 124 -1.25 5.14 -9.22
CA ASN B 124 -2.09 6.07 -8.51
C ASN B 124 -3.40 6.26 -9.32
N LYS B 125 -4.02 5.14 -9.67
CA LYS B 125 -5.30 5.14 -10.39
C LYS B 125 -6.22 4.18 -9.64
N PRO B 126 -7.46 4.62 -9.32
CA PRO B 126 -8.44 3.81 -8.58
C PRO B 126 -8.85 2.49 -9.27
N VAL B 127 -9.41 1.57 -8.49
CA VAL B 127 -9.89 0.32 -9.07
C VAL B 127 -11.41 0.38 -9.17
N ILE B 128 -11.94 -0.19 -10.24
CA ILE B 128 -13.40 -0.25 -10.41
C ILE B 128 -13.71 -1.71 -10.08
N VAL B 129 -14.46 -1.91 -9.01
CA VAL B 129 -14.76 -3.24 -8.52
C VAL B 129 -16.19 -3.74 -8.76
N HIS B 130 -16.27 -4.91 -9.37
CA HIS B 130 -17.53 -5.60 -9.66
C HIS B 130 -17.50 -6.76 -8.67
N THR B 131 -18.58 -7.00 -7.93
CA THR B 131 -18.60 -8.12 -6.99
C THR B 131 -19.99 -8.70 -7.00
N ARG B 132 -20.09 -10.02 -6.91
CA ARG B 132 -21.38 -10.69 -6.90
C ARG B 132 -21.24 -12.03 -6.21
N ASP B 133 -21.99 -12.22 -5.12
CA ASP B 133 -21.95 -13.44 -4.31
C ASP B 133 -20.52 -13.72 -3.82
N ALA B 134 -19.75 -12.66 -3.59
CA ALA B 134 -18.35 -12.80 -3.16
C ALA B 134 -18.00 -11.74 -2.11
N ARG B 135 -18.93 -11.46 -1.21
CA ARG B 135 -18.72 -10.42 -0.22
C ARG B 135 -17.48 -10.55 0.68
N ALA B 136 -17.34 -11.65 1.38
CA ALA B 136 -16.18 -11.80 2.26
C ALA B 136 -14.87 -11.77 1.50
N ASP B 137 -14.75 -12.58 0.44
CA ASP B 137 -13.52 -12.64 -0.36
C ASP B 137 -13.15 -11.29 -0.96
N THR B 138 -14.16 -10.55 -1.41
CA THR B 138 -13.91 -9.23 -1.98
C THR B 138 -13.31 -8.27 -0.94
N LEU B 139 -13.93 -8.17 0.24
CA LEU B 139 -13.38 -7.27 1.22
C LEU B 139 -12.03 -7.69 1.79
N ALA B 140 -11.83 -9.00 1.92
CA ALA B 140 -10.56 -9.51 2.47
C ALA B 140 -9.43 -9.04 1.56
N ILE B 141 -9.63 -9.20 0.25
CA ILE B 141 -8.63 -8.77 -0.71
C ILE B 141 -8.43 -7.24 -0.67
N LEU B 142 -9.52 -6.47 -0.68
CA LEU B 142 -9.41 -4.99 -0.63
C LEU B 142 -8.65 -4.53 0.62
N ARG B 143 -8.92 -5.21 1.74
CA ARG B 143 -8.27 -4.89 2.99
C ARG B 143 -6.80 -5.31 2.97
N GLU B 144 -6.53 -6.52 2.52
CA GLU B 144 -5.16 -7.03 2.49
C GLU B 144 -4.25 -6.36 1.46
N GLU B 145 -4.80 -5.94 0.32
CA GLU B 145 -3.97 -5.34 -0.71
C GLU B 145 -3.84 -3.80 -0.59
N LYS B 146 -4.28 -3.25 0.54
CA LYS B 146 -4.20 -1.82 0.77
C LYS B 146 -4.74 -0.98 -0.37
N VAL B 147 -5.97 -1.30 -0.81
CA VAL B 147 -6.60 -0.54 -1.88
C VAL B 147 -6.76 0.93 -1.46
N THR B 148 -6.60 1.20 -0.17
CA THR B 148 -6.71 2.56 0.34
C THR B 148 -5.69 3.50 -0.30
N ASP B 149 -4.61 2.94 -0.84
CA ASP B 149 -3.60 3.78 -1.45
C ASP B 149 -4.01 4.34 -2.81
N CYS B 150 -4.80 3.58 -3.57
CA CYS B 150 -5.24 4.03 -4.89
C CYS B 150 -6.71 4.44 -4.92
N GLY B 151 -7.46 3.95 -3.94
CA GLY B 151 -8.88 4.24 -3.83
C GLY B 151 -9.70 3.36 -4.75
N GLY B 152 -11.01 3.56 -4.78
CA GLY B 152 -11.82 2.77 -5.68
C GLY B 152 -13.30 3.06 -5.56
N VAL B 153 -14.05 2.37 -6.43
CA VAL B 153 -15.50 2.46 -6.45
C VAL B 153 -16.11 1.06 -6.56
N LEU B 154 -17.14 0.82 -5.75
CA LEU B 154 -17.83 -0.44 -5.83
C LEU B 154 -18.91 -0.09 -6.86
N HIS B 155 -18.66 -0.47 -8.11
CA HIS B 155 -19.58 -0.18 -9.22
C HIS B 155 -20.87 -1.07 -9.26
N CYS B 156 -21.98 -0.52 -9.77
CA CYS B 156 -23.25 -1.26 -9.84
C CYS B 156 -23.46 -2.03 -8.53
N PHE B 157 -23.49 -1.30 -7.43
CA PHE B 157 -23.60 -1.93 -6.11
C PHE B 157 -24.94 -2.66 -5.95
N THR B 158 -24.90 -3.91 -5.53
CA THR B 158 -26.12 -4.70 -5.33
C THR B 158 -26.04 -5.48 -4.02
N GLU B 159 -25.10 -5.10 -3.16
CA GLU B 159 -24.95 -5.78 -1.88
C GLU B 159 -25.84 -5.15 -0.81
N ASP B 160 -25.42 -5.21 0.44
CA ASP B 160 -26.23 -4.65 1.52
C ASP B 160 -25.57 -3.47 2.23
N ARG B 161 -26.33 -2.87 3.15
CA ARG B 161 -25.86 -1.71 3.91
C ARG B 161 -24.60 -1.99 4.72
N GLU B 162 -24.57 -3.11 5.44
CA GLU B 162 -23.40 -3.45 6.22
C GLU B 162 -22.16 -3.58 5.31
N THR B 163 -22.34 -4.07 4.08
CA THR B 163 -21.20 -4.21 3.16
C THR B 163 -20.79 -2.82 2.68
N ALA B 164 -21.78 -1.98 2.42
CA ALA B 164 -21.54 -0.61 1.99
C ALA B 164 -20.67 0.05 3.07
N GLY B 165 -21.08 -0.14 4.32
CA GLY B 165 -20.35 0.42 5.45
C GLY B 165 -18.90 0.00 5.51
N LYS B 166 -18.62 -1.28 5.25
CA LYS B 166 -17.23 -1.76 5.30
C LYS B 166 -16.41 -1.16 4.15
N LEU B 167 -17.02 -1.00 2.98
CA LEU B 167 -16.32 -0.40 1.84
C LEU B 167 -16.04 1.09 2.10
N LEU B 168 -16.99 1.80 2.71
CA LEU B 168 -16.80 3.20 2.98
C LEU B 168 -15.66 3.36 3.98
N ASP B 169 -15.51 2.38 4.86
CA ASP B 169 -14.43 2.40 5.85
C ASP B 169 -13.09 2.41 5.14
N LEU B 170 -13.08 1.96 3.90
CA LEU B 170 -11.86 1.90 3.11
C LEU B 170 -11.71 3.08 2.17
N GLY B 171 -12.57 4.09 2.35
CA GLY B 171 -12.50 5.27 1.51
C GLY B 171 -13.18 5.11 0.16
N PHE B 172 -13.82 3.96 -0.02
CA PHE B 172 -14.52 3.67 -1.27
C PHE B 172 -15.69 4.58 -1.57
N TYR B 173 -16.00 4.67 -2.85
CA TYR B 173 -17.14 5.43 -3.36
C TYR B 173 -18.09 4.29 -3.68
N ILE B 174 -19.40 4.55 -3.67
CA ILE B 174 -20.38 3.52 -4.00
C ILE B 174 -21.28 3.98 -5.16
N SER B 175 -21.25 3.27 -6.29
CA SER B 175 -22.05 3.69 -7.44
C SER B 175 -23.27 2.82 -7.61
N PHE B 176 -24.39 3.46 -7.97
CA PHE B 176 -25.64 2.76 -8.19
C PHE B 176 -26.08 2.87 -9.65
N SER B 177 -26.56 1.74 -10.17
CA SER B 177 -27.04 1.67 -11.55
C SER B 177 -28.58 1.61 -11.47
N GLY B 178 -29.21 1.45 -12.63
CA GLY B 178 -30.66 1.36 -12.70
C GLY B 178 -31.30 0.22 -11.92
N ILE B 179 -30.48 -0.68 -11.40
CA ILE B 179 -31.04 -1.77 -10.64
C ILE B 179 -31.69 -1.18 -9.39
N VAL B 180 -31.20 -0.02 -8.93
CA VAL B 180 -31.81 0.59 -7.74
C VAL B 180 -33.27 0.96 -7.95
N THR B 181 -33.68 1.11 -9.20
CA THR B 181 -35.07 1.48 -9.49
C THR B 181 -36.01 0.26 -9.56
N PHE B 182 -35.43 -0.93 -9.52
CA PHE B 182 -36.24 -2.16 -9.57
C PHE B 182 -37.01 -2.33 -8.26
N ARG B 183 -38.25 -2.80 -8.35
CA ARG B 183 -39.09 -2.96 -7.17
C ARG B 183 -38.50 -3.77 -6.02
N ASN B 184 -37.87 -4.89 -6.36
CA ASN B 184 -37.31 -5.79 -5.37
C ASN B 184 -35.88 -5.43 -4.94
N ALA B 185 -35.55 -4.15 -5.02
CA ALA B 185 -34.22 -3.69 -4.68
C ALA B 185 -34.15 -2.89 -3.39
N GLU B 186 -35.00 -3.23 -2.42
CA GLU B 186 -34.98 -2.50 -1.17
C GLU B 186 -33.69 -2.62 -0.38
N GLN B 187 -33.06 -3.79 -0.40
CA GLN B 187 -31.81 -3.96 0.32
C GLN B 187 -30.73 -2.95 -0.15
N LEU B 188 -30.61 -2.72 -1.46
CA LEU B 188 -29.57 -1.77 -1.91
C LEU B 188 -30.01 -0.32 -1.81
N ARG B 189 -31.30 -0.07 -1.68
CA ARG B 189 -31.77 1.30 -1.55
C ARG B 189 -31.45 1.70 -0.11
N ASP B 190 -31.46 0.74 0.80
CA ASP B 190 -31.14 1.03 2.19
C ASP B 190 -29.65 1.41 2.21
N ALA B 191 -28.87 0.71 1.39
CA ALA B 191 -27.45 0.98 1.29
C ALA B 191 -27.26 2.39 0.72
N ALA B 192 -28.09 2.74 -0.24
CA ALA B 192 -28.03 4.06 -0.89
C ALA B 192 -28.37 5.15 0.12
N ARG B 193 -29.42 4.96 0.91
CA ARG B 193 -29.78 5.97 1.92
C ARG B 193 -28.64 6.13 2.92
N TYR B 194 -27.95 5.04 3.23
CA TYR B 194 -26.84 5.05 4.19
C TYR B 194 -25.59 5.71 3.63
N VAL B 195 -25.31 5.48 2.36
CA VAL B 195 -24.14 6.06 1.72
C VAL B 195 -24.17 7.59 1.76
N PRO B 196 -23.15 8.22 2.36
CA PRO B 196 -23.17 9.68 2.41
C PRO B 196 -23.12 10.20 0.97
N LEU B 197 -23.72 11.37 0.76
CA LEU B 197 -23.76 11.97 -0.55
C LEU B 197 -22.37 12.11 -1.18
N ASP B 198 -21.37 12.43 -0.36
CA ASP B 198 -20.01 12.62 -0.84
C ASP B 198 -19.24 11.37 -1.25
N ARG B 199 -19.91 10.20 -1.28
CA ARG B 199 -19.27 8.96 -1.72
C ARG B 199 -20.14 8.25 -2.74
N LEU B 200 -21.19 8.92 -3.19
CA LEU B 200 -22.09 8.38 -4.20
C LEU B 200 -21.70 8.72 -5.63
N LEU B 201 -21.98 7.79 -6.55
CA LEU B 201 -21.77 7.98 -7.98
C LEU B 201 -22.97 7.28 -8.61
N VAL B 202 -23.22 7.53 -9.88
CA VAL B 202 -24.33 6.89 -10.56
C VAL B 202 -23.77 6.36 -11.87
N GLU B 203 -24.43 5.39 -12.46
CA GLU B 203 -23.97 4.81 -13.70
C GLU B 203 -25.13 4.07 -14.34
N THR B 204 -24.89 3.55 -15.54
CA THR B 204 -25.91 2.74 -16.21
C THR B 204 -25.44 1.27 -16.32
N ASP B 205 -24.14 1.08 -16.59
CA ASP B 205 -23.58 -0.25 -16.86
C ASP B 205 -24.22 -0.72 -18.18
N SER B 206 -24.55 0.25 -19.04
CA SER B 206 -25.12 0.00 -20.37
C SER B 206 -24.25 -1.04 -21.06
N PRO B 207 -24.86 -1.92 -21.86
CA PRO B 207 -26.28 -2.06 -22.23
C PRO B 207 -27.17 -2.74 -21.20
N TYR B 208 -26.60 -3.11 -20.05
CA TYR B 208 -27.32 -3.84 -19.00
C TYR B 208 -28.16 -3.00 -18.05
N LEU B 209 -29.11 -3.68 -17.40
CA LEU B 209 -29.96 -3.09 -16.37
C LEU B 209 -30.60 -1.73 -16.65
N ALA B 210 -31.34 -1.60 -17.75
CA ALA B 210 -31.99 -0.32 -18.03
C ALA B 210 -32.86 0.01 -16.82
N PRO B 211 -32.83 1.27 -16.37
CA PRO B 211 -33.68 1.58 -15.22
C PRO B 211 -35.14 1.76 -15.66
N VAL B 212 -36.02 1.69 -14.68
CA VAL B 212 -37.44 1.93 -14.90
C VAL B 212 -37.38 3.44 -15.18
N PRO B 213 -38.25 3.97 -16.04
CA PRO B 213 -39.34 3.32 -16.79
C PRO B 213 -38.95 2.70 -18.13
N HIS B 214 -37.70 2.24 -18.25
CA HIS B 214 -37.21 1.61 -19.49
C HIS B 214 -36.73 0.19 -19.22
N ARG B 215 -37.26 -0.42 -18.16
CA ARG B 215 -36.84 -1.77 -17.80
C ARG B 215 -37.00 -2.73 -18.98
N GLY B 216 -36.01 -3.60 -19.16
CA GLY B 216 -36.07 -4.56 -20.26
C GLY B 216 -35.52 -4.11 -21.61
N LYS B 217 -35.44 -2.79 -21.83
CA LYS B 217 -34.90 -2.24 -23.08
C LYS B 217 -33.39 -2.26 -22.95
N GLU B 218 -32.68 -2.09 -24.07
CA GLU B 218 -31.23 -2.04 -23.97
C GLU B 218 -30.95 -0.71 -23.26
N ASN B 219 -30.01 -0.73 -22.33
CA ASN B 219 -29.68 0.45 -21.57
C ASN B 219 -28.71 1.33 -22.38
N GLN B 220 -28.79 2.65 -22.19
CA GLN B 220 -27.86 3.55 -22.85
C GLN B 220 -27.46 4.59 -21.82
N PRO B 221 -26.30 5.23 -22.00
CA PRO B 221 -25.81 6.25 -21.06
C PRO B 221 -26.78 7.37 -20.73
N ALA B 222 -27.57 7.78 -21.71
CA ALA B 222 -28.53 8.85 -21.46
C ALA B 222 -29.39 8.47 -20.27
N MET B 223 -29.59 7.18 -20.07
CA MET B 223 -30.48 6.72 -19.01
C MET B 223 -29.92 6.86 -17.63
N VAL B 224 -28.71 7.41 -17.49
CA VAL B 224 -28.22 7.58 -16.15
C VAL B 224 -29.06 8.74 -15.57
N ARG B 225 -29.62 9.57 -16.46
CA ARG B 225 -30.49 10.66 -15.99
C ARG B 225 -31.66 10.04 -15.21
N ASP B 226 -32.14 8.86 -15.62
CA ASP B 226 -33.24 8.24 -14.88
C ASP B 226 -32.74 7.74 -13.53
N VAL B 227 -31.50 7.23 -13.51
CA VAL B 227 -30.94 6.72 -12.27
C VAL B 227 -30.80 7.91 -11.32
N ALA B 228 -30.31 9.03 -11.84
CA ALA B 228 -30.11 10.24 -11.04
C ALA B 228 -31.41 10.78 -10.46
N GLU B 229 -32.48 10.81 -11.25
CA GLU B 229 -33.75 11.32 -10.78
C GLU B 229 -34.27 10.42 -9.67
N TYR B 230 -34.09 9.11 -9.81
CA TYR B 230 -34.55 8.18 -8.79
C TYR B 230 -33.71 8.37 -7.51
N MET B 231 -32.39 8.43 -7.65
CA MET B 231 -31.52 8.62 -6.50
C MET B 231 -31.79 9.95 -5.78
N ALA B 232 -32.08 11.01 -6.54
CA ALA B 232 -32.40 12.32 -5.92
C ALA B 232 -33.61 12.17 -4.98
N VAL B 233 -34.60 11.39 -5.39
CA VAL B 233 -35.78 11.16 -4.54
C VAL B 233 -35.40 10.35 -3.32
N LEU B 234 -34.59 9.32 -3.54
CA LEU B 234 -34.17 8.43 -2.48
C LEU B 234 -33.38 9.19 -1.40
N LYS B 235 -32.49 10.08 -1.82
CA LYS B 235 -31.68 10.83 -0.86
C LYS B 235 -32.33 12.11 -0.37
N GLY B 236 -33.49 12.44 -0.91
CA GLY B 236 -34.17 13.66 -0.50
C GLY B 236 -33.50 14.95 -0.96
N VAL B 237 -32.96 14.96 -2.17
CA VAL B 237 -32.31 16.16 -2.69
C VAL B 237 -32.77 16.46 -4.10
N ALA B 238 -32.57 17.70 -4.54
CA ALA B 238 -32.94 18.08 -5.89
C ALA B 238 -31.95 17.38 -6.84
N VAL B 239 -32.43 16.98 -8.01
CA VAL B 239 -31.58 16.29 -9.00
C VAL B 239 -30.34 17.08 -9.40
N GLU B 240 -30.50 18.39 -9.46
CA GLU B 240 -29.41 19.29 -9.82
C GLU B 240 -28.33 19.22 -8.72
N GLU B 241 -28.74 19.07 -7.47
CA GLU B 241 -27.76 18.96 -6.38
C GLU B 241 -27.07 17.59 -6.49
N LEU B 242 -27.87 16.55 -6.67
CA LEU B 242 -27.32 15.21 -6.80
C LEU B 242 -26.29 15.14 -7.95
N ALA B 243 -26.61 15.74 -9.10
CA ALA B 243 -25.70 15.71 -10.24
C ALA B 243 -24.34 16.36 -9.91
N GLN B 244 -24.38 17.53 -9.30
CA GLN B 244 -23.19 18.30 -8.94
C GLN B 244 -22.31 17.60 -7.92
N VAL B 245 -22.95 16.98 -6.95
CA VAL B 245 -22.22 16.26 -5.92
C VAL B 245 -21.55 15.02 -6.52
N THR B 246 -22.30 14.22 -7.28
CA THR B 246 -21.70 13.02 -7.85
C THR B 246 -20.66 13.34 -8.92
N THR B 247 -20.86 14.43 -9.66
CA THR B 247 -19.88 14.80 -10.66
C THR B 247 -18.59 15.27 -9.94
N ASP B 248 -18.75 15.90 -8.77
CA ASP B 248 -17.57 16.34 -7.99
C ASP B 248 -16.87 15.10 -7.38
N ASN B 249 -17.65 14.10 -6.97
CA ASN B 249 -17.13 12.85 -6.40
C ASN B 249 -16.35 12.12 -7.47
N PHE B 250 -16.91 12.13 -8.67
CA PHE B 250 -16.28 11.48 -9.80
C PHE B 250 -14.91 12.10 -10.06
N ALA B 251 -14.89 13.42 -10.14
CA ALA B 251 -13.67 14.20 -10.40
C ALA B 251 -12.57 13.90 -9.36
N ARG B 252 -12.98 13.76 -8.11
CA ARG B 252 -12.05 13.50 -7.00
C ARG B 252 -11.52 12.04 -7.07
N LEU B 253 -12.42 11.06 -7.21
CA LEU B 253 -11.98 9.67 -7.30
C LEU B 253 -11.03 9.39 -8.48
N PHE B 254 -11.42 9.83 -9.68
CA PHE B 254 -10.61 9.56 -10.88
C PHE B 254 -9.58 10.61 -11.30
N HIS B 255 -9.34 11.61 -10.45
CA HIS B 255 -8.36 12.67 -10.69
C HIS B 255 -8.62 13.45 -11.96
N ILE B 256 -9.87 13.82 -12.17
CA ILE B 256 -10.23 14.55 -13.36
C ILE B 256 -10.26 16.03 -13.02
N ASP B 257 -9.67 16.85 -13.88
CA ASP B 257 -9.67 18.30 -13.66
C ASP B 257 -11.10 18.80 -13.74
N ALA B 258 -11.47 19.63 -12.78
CA ALA B 258 -12.82 20.18 -12.72
C ALA B 258 -13.26 20.82 -14.04
N SER B 259 -12.33 21.47 -14.74
CA SER B 259 -12.65 22.13 -15.99
C SER B 259 -13.19 21.13 -17.05
N ARG B 260 -12.78 19.88 -16.98
CA ARG B 260 -13.29 18.94 -17.97
C ARG B 260 -14.73 18.48 -17.69
N LEU B 261 -15.24 18.81 -16.50
CA LEU B 261 -16.57 18.39 -16.06
C LEU B 261 -17.48 19.60 -15.81
N GLN B 262 -17.43 20.56 -16.71
CA GLN B 262 -18.20 21.81 -16.59
C GLN B 262 -19.34 21.84 -17.61
N SER B 263 -20.58 21.92 -17.12
CA SER B 263 -21.74 21.96 -18.00
C SER B 263 -21.53 22.92 -19.16
N ILE B 264 -20.78 23.99 -18.89
CA ILE B 264 -20.46 25.01 -19.89
C ILE B 264 -19.80 24.35 -21.11
N ARG B 265 -18.48 24.36 -21.16
CA ARG B 265 -17.75 23.75 -22.28
C ARG B 265 -17.77 22.23 -22.20
#